data_6D3U
#
_entry.id   6D3U
#
_cell.length_a   82.464
_cell.length_b   102.664
_cell.length_c   103.034
_cell.angle_alpha   90.00
_cell.angle_beta   90.00
_cell.angle_gamma   90.00
#
_symmetry.space_group_name_H-M   'P 21 21 21'
#
loop_
_entity.id
_entity.type
_entity.pdbx_description
1 polymer 'Ulvan lyase'
2 branched '4-deoxy-alpha-L-threo-hex-4-enopyranuronic acid-(1-4)-3-O-sulfo-alpha-L-rhamnopyranose-(1-4)-beta-D-glucopyranuronic acid-(1-4)-3-O-sulfo-alpha-L-rhamnopyranose'
3 non-polymer 'CALCIUM ION'
4 non-polymer 'PHOSPHATE ION'
5 non-polymer 1,2-ETHANEDIOL
6 water water
#
_entity_poly.entity_id   1
_entity_poly.type   'polypeptide(L)'
_entity_poly.pdbx_seq_one_letter_code
;MRKLKYNTTRVILMIAFISLSACSSEDAMIEEEQVIPDPDPVAQTDEDTGPVVDCTNQGTNPTRDTDIPNPRNIGDIDDR
SCYANYSESSILGKFWGIYNITDGSNHMDAPNTLQPRIERSLSRSQATGAGSYARFRGVLRILEVGDTGTFSSSGSYFMQ
AMGKHTGGGGSPDPAICLYRAHPVYGDDGNGNQVQVSFDIWREQINFRGGSGSAGRTEVFLKNVLKNEQIDIELEVGFRD
DPNNPGQTLHYADAKIGGEEFNWNIPEPERGIESGIRYGAYRVKGGRAQFRWANTSYTKDEVN
;
_entity_poly.pdbx_strand_id   A,B
#
# COMPACT_ATOMS: atom_id res chain seq x y z
N GLN A 44 33.51 -10.78 -15.83
CA GLN A 44 32.13 -10.60 -16.30
C GLN A 44 31.56 -9.27 -15.76
N THR A 45 30.67 -8.64 -16.54
CA THR A 45 30.21 -7.27 -16.30
C THR A 45 28.75 -7.08 -16.68
N ASP A 46 28.02 -6.31 -15.87
CA ASP A 46 26.65 -5.93 -16.24
C ASP A 46 26.46 -4.42 -16.21
N GLU A 47 27.53 -3.66 -16.41
CA GLU A 47 27.50 -2.22 -16.29
C GLU A 47 27.05 -1.57 -17.61
N ASP A 48 26.11 -0.62 -17.53
CA ASP A 48 25.78 0.22 -18.68
C ASP A 48 26.90 1.24 -18.87
N THR A 49 27.44 1.30 -20.08
CA THR A 49 28.50 2.25 -20.39
C THR A 49 28.17 3.21 -21.53
N GLY A 50 27.04 3.04 -22.21
CA GLY A 50 26.69 3.93 -23.28
C GLY A 50 26.30 5.30 -22.77
N PRO A 51 25.97 6.18 -23.71
CA PRO A 51 25.58 7.55 -23.32
C PRO A 51 24.38 7.59 -22.39
N VAL A 52 24.33 8.63 -21.57
CA VAL A 52 23.24 8.82 -20.64
C VAL A 52 22.10 9.50 -21.39
N VAL A 53 20.97 8.81 -21.48
CA VAL A 53 19.78 9.28 -22.20
C VAL A 53 18.60 9.17 -21.26
N ASP A 54 17.51 9.89 -21.61
CA ASP A 54 16.33 9.89 -20.74
C ASP A 54 15.50 8.62 -20.91
N CYS A 55 15.13 8.25 -22.15
CA CYS A 55 14.28 7.08 -22.39
CA CYS A 55 14.31 7.06 -22.36
C CYS A 55 14.90 6.21 -23.46
N THR A 56 14.63 4.91 -23.37
CA THR A 56 14.92 3.91 -24.41
C THR A 56 13.68 3.05 -24.58
N ASN A 57 13.56 2.45 -25.76
CA ASN A 57 12.43 1.57 -26.03
C ASN A 57 12.32 0.50 -24.94
N GLN A 58 13.40 -0.24 -24.72
CA GLN A 58 13.39 -1.35 -23.80
C GLN A 58 13.08 -0.95 -22.37
N GLY A 59 13.05 0.35 -22.07
CA GLY A 59 12.74 0.76 -20.73
C GLY A 59 11.48 1.60 -20.61
N THR A 60 10.70 1.71 -21.69
CA THR A 60 9.50 2.56 -21.68
C THR A 60 8.34 1.63 -21.36
N ASN A 61 8.21 1.29 -20.08
CA ASN A 61 7.15 0.39 -19.61
C ASN A 61 5.81 1.09 -19.62
N PRO A 62 4.72 0.38 -19.94
CA PRO A 62 3.40 1.03 -19.97
C PRO A 62 2.77 1.24 -18.60
N THR A 63 3.18 0.47 -17.59
CA THR A 63 2.60 0.60 -16.27
C THR A 63 3.70 0.44 -15.22
N ARG A 64 3.46 1.03 -14.06
CA ARG A 64 4.44 0.98 -12.97
C ARG A 64 4.72 -0.46 -12.53
N ASP A 65 3.74 -1.35 -12.70
CA ASP A 65 3.90 -2.73 -12.24
C ASP A 65 4.47 -3.67 -13.31
N THR A 66 5.19 -3.14 -14.30
CA THR A 66 5.79 -3.98 -15.35
C THR A 66 7.00 -4.70 -14.78
N ASP A 67 7.00 -6.03 -14.86
CA ASP A 67 8.01 -6.90 -14.25
C ASP A 67 8.31 -8.03 -15.22
N ILE A 68 9.37 -8.79 -14.95
CA ILE A 68 9.60 -10.02 -15.70
C ILE A 68 8.82 -11.16 -15.04
N PRO A 69 8.67 -12.30 -15.69
N PRO A 69 8.68 -12.33 -15.69
CA PRO A 69 8.18 -13.49 -14.99
CA PRO A 69 7.74 -13.33 -15.18
C PRO A 69 9.24 -14.01 -14.01
C PRO A 69 8.01 -13.82 -13.77
N ASN A 70 8.77 -14.39 -12.83
N ASN A 70 9.25 -14.21 -13.46
CA ASN A 70 9.61 -14.99 -11.79
CA ASN A 70 9.59 -14.79 -12.17
C ASN A 70 10.85 -14.19 -11.43
C ASN A 70 10.84 -14.13 -11.60
N PRO A 71 10.71 -12.93 -11.04
CA PRO A 71 11.87 -12.18 -10.58
C PRO A 71 12.49 -12.83 -9.36
N ARG A 72 13.82 -12.83 -9.29
CA ARG A 72 14.48 -13.30 -8.08
C ARG A 72 14.50 -12.27 -6.94
N ASN A 73 14.36 -10.97 -7.21
CA ASN A 73 14.25 -10.00 -6.12
C ASN A 73 12.84 -10.03 -5.56
N ILE A 74 12.74 -10.01 -4.24
CA ILE A 74 11.45 -10.04 -3.56
C ILE A 74 10.84 -8.63 -3.50
N GLY A 75 9.52 -8.56 -3.54
CA GLY A 75 8.83 -7.30 -3.48
C GLY A 75 8.13 -6.97 -4.81
N ASP A 76 7.21 -6.00 -4.74
CA ASP A 76 6.41 -5.59 -5.90
C ASP A 76 7.12 -4.47 -6.64
N ILE A 77 7.28 -4.64 -7.96
CA ILE A 77 8.00 -3.65 -8.76
C ILE A 77 7.22 -2.35 -8.84
N ASP A 78 7.93 -1.24 -8.84
CA ASP A 78 7.37 0.11 -8.96
C ASP A 78 8.33 0.80 -9.91
N ASP A 79 8.06 0.70 -11.22
CA ASP A 79 8.98 1.11 -12.26
C ASP A 79 8.53 2.45 -12.81
N ARG A 80 9.17 3.53 -12.37
CA ARG A 80 8.92 4.88 -12.84
C ARG A 80 10.17 5.45 -13.50
N SER A 81 10.69 4.76 -14.50
CA SER A 81 11.77 5.29 -15.31
C SER A 81 11.72 4.69 -16.70
N CYS A 82 11.73 5.54 -17.74
CA CYS A 82 11.70 5.04 -19.11
C CYS A 82 13.09 4.72 -19.64
N TYR A 83 14.13 4.83 -18.80
CA TYR A 83 15.46 4.48 -19.22
C TYR A 83 15.66 2.97 -19.31
N ALA A 84 15.23 2.24 -18.28
CA ALA A 84 15.41 0.80 -18.23
C ALA A 84 14.17 0.15 -17.61
N ASN A 85 14.09 -1.17 -17.73
CA ASN A 85 13.17 -1.97 -16.94
C ASN A 85 13.98 -2.85 -16.00
N TYR A 86 13.29 -3.44 -15.02
CA TYR A 86 13.95 -4.46 -14.20
C TYR A 86 14.38 -5.59 -15.10
N SER A 87 15.61 -6.05 -14.91
CA SER A 87 16.11 -7.24 -15.58
C SER A 87 17.12 -7.89 -14.65
N GLU A 88 17.64 -9.03 -15.06
CA GLU A 88 18.58 -9.76 -14.22
C GLU A 88 19.83 -10.13 -15.00
N SER A 89 20.90 -10.38 -14.27
CA SER A 89 22.17 -10.81 -14.83
C SER A 89 22.73 -11.91 -13.93
N SER A 90 23.47 -12.83 -14.53
CA SER A 90 24.10 -13.90 -13.79
C SER A 90 25.60 -13.68 -13.86
N ILE A 91 26.20 -13.22 -12.77
CA ILE A 91 27.63 -12.93 -12.78
C ILE A 91 28.14 -12.99 -11.35
N LEU A 92 29.45 -13.12 -11.21
CA LEU A 92 30.09 -13.17 -9.90
C LEU A 92 29.51 -14.28 -9.04
N GLY A 93 28.91 -15.28 -9.70
CA GLY A 93 28.34 -16.42 -9.02
C GLY A 93 27.00 -16.16 -8.37
N LYS A 94 26.28 -15.12 -8.81
CA LYS A 94 24.99 -14.80 -8.23
C LYS A 94 24.07 -14.30 -9.31
N PHE A 95 22.78 -14.24 -8.98
CA PHE A 95 21.78 -13.62 -9.83
C PHE A 95 21.44 -12.24 -9.28
N TRP A 96 21.55 -11.22 -10.13
CA TRP A 96 21.43 -9.83 -9.74
C TRP A 96 20.23 -9.19 -10.42
N GLY A 97 19.35 -8.56 -9.64
CA GLY A 97 18.41 -7.62 -10.20
C GLY A 97 19.11 -6.31 -10.50
N ILE A 98 18.75 -5.72 -11.66
CA ILE A 98 19.44 -4.57 -12.24
C ILE A 98 18.51 -3.34 -12.15
N TYR A 99 18.97 -2.30 -11.46
CA TYR A 99 18.18 -1.07 -11.24
C TYR A 99 18.98 0.09 -11.81
N ASN A 100 18.63 0.52 -13.04
CA ASN A 100 19.30 1.61 -13.73
C ASN A 100 18.30 2.72 -14.02
N ILE A 101 18.65 3.95 -13.62
CA ILE A 101 17.80 5.11 -13.88
C ILE A 101 18.66 6.29 -14.32
N THR A 102 18.06 7.19 -15.08
CA THR A 102 18.76 8.38 -15.54
C THR A 102 17.96 9.65 -15.26
N ASP A 103 18.69 10.75 -15.19
CA ASP A 103 18.09 12.06 -14.97
C ASP A 103 16.96 12.34 -15.97
N GLY A 104 15.80 12.73 -15.46
CA GLY A 104 14.68 13.10 -16.31
C GLY A 104 13.94 11.95 -16.98
N SER A 105 14.05 10.72 -16.45
CA SER A 105 13.49 9.56 -17.11
C SER A 105 12.17 9.11 -16.48
N ASN A 106 11.54 9.97 -15.68
CA ASN A 106 10.30 9.60 -15.00
C ASN A 106 9.12 9.92 -15.91
N HIS A 107 8.65 8.92 -16.63
CA HIS A 107 7.46 9.03 -17.46
C HIS A 107 6.18 8.61 -16.73
N MET A 108 6.25 8.24 -15.46
CA MET A 108 5.05 7.80 -14.75
C MET A 108 4.48 8.85 -13.82
N ASP A 109 5.30 9.55 -13.06
CA ASP A 109 4.75 10.61 -12.24
C ASP A 109 4.48 11.85 -13.10
N ALA A 110 3.63 12.74 -12.56
CA ALA A 110 3.36 13.98 -13.27
C ALA A 110 4.65 14.79 -13.43
N PRO A 111 4.88 15.41 -14.58
CA PRO A 111 6.20 15.98 -14.85
C PRO A 111 6.58 17.05 -13.84
N ASN A 112 7.90 17.18 -13.62
CA ASN A 112 8.45 18.12 -12.65
C ASN A 112 7.86 17.92 -11.26
N THR A 113 7.72 16.66 -10.85
CA THR A 113 7.40 16.34 -9.48
C THR A 113 8.49 15.42 -8.95
N LEU A 114 8.26 14.12 -8.86
CA LEU A 114 9.14 13.18 -8.18
C LEU A 114 10.27 12.70 -9.10
N GLN A 115 11.35 12.24 -8.48
CA GLN A 115 12.49 11.77 -9.25
C GLN A 115 12.18 10.42 -9.89
N PRO A 116 12.89 10.06 -10.94
CA PRO A 116 12.75 8.71 -11.50
C PRO A 116 13.06 7.63 -10.46
N ARG A 117 12.45 6.46 -10.59
CA ARG A 117 12.84 5.37 -9.70
C ARG A 117 12.50 4.03 -10.34
N ILE A 118 13.21 3.00 -9.93
CA ILE A 118 12.76 1.63 -10.11
C ILE A 118 12.96 0.94 -8.76
N GLU A 119 11.88 0.65 -8.07
CA GLU A 119 12.01 0.11 -6.73
C GLU A 119 11.12 -1.11 -6.57
N ARG A 120 11.39 -1.89 -5.53
CA ARG A 120 10.43 -2.89 -5.07
C ARG A 120 9.94 -2.49 -3.69
N SER A 121 8.63 -2.54 -3.50
CA SER A 121 8.01 -2.27 -2.22
C SER A 121 7.67 -3.57 -1.50
N LEU A 122 7.82 -3.53 -0.17
CA LEU A 122 7.68 -4.65 0.73
C LEU A 122 6.49 -4.40 1.65
N SER A 123 5.69 -5.45 1.90
CA SER A 123 4.52 -5.28 2.73
C SER A 123 4.90 -4.62 4.06
N ARG A 124 4.20 -3.53 4.38
CA ARG A 124 4.58 -2.75 5.55
C ARG A 124 4.11 -3.44 6.81
N SER A 125 4.88 -3.25 7.89
CA SER A 125 4.52 -3.69 9.23
C SER A 125 3.59 -2.66 9.86
N GLN A 126 2.29 -2.97 9.88
CA GLN A 126 1.28 -2.02 10.38
C GLN A 126 0.92 -2.37 11.82
N ALA A 127 1.91 -2.13 12.69
CA ALA A 127 1.73 -2.27 14.12
C ALA A 127 2.82 -1.46 14.79
N THR A 128 2.55 -1.05 16.03
CA THR A 128 3.49 -0.22 16.79
C THR A 128 3.86 -0.84 18.13
N GLY A 129 3.54 -2.11 18.36
CA GLY A 129 3.97 -2.76 19.58
C GLY A 129 5.45 -3.11 19.51
N ALA A 130 6.09 -3.14 20.68
CA ALA A 130 7.47 -3.60 20.75
C ALA A 130 7.55 -5.02 20.19
N GLY A 131 8.55 -5.25 19.37
CA GLY A 131 8.63 -6.49 18.62
C GLY A 131 8.10 -6.41 17.21
N SER A 132 7.54 -5.26 16.79
CA SER A 132 7.11 -5.03 15.41
C SER A 132 8.30 -4.62 14.55
N TYR A 133 8.38 -5.17 13.34
CA TYR A 133 9.51 -4.83 12.49
C TYR A 133 9.27 -5.19 11.04
N ALA A 134 9.96 -4.48 10.17
CA ALA A 134 10.23 -4.86 8.79
C ALA A 134 11.73 -5.10 8.65
N ARG A 135 12.12 -6.24 8.08
CA ARG A 135 13.53 -6.62 7.98
C ARG A 135 13.85 -7.06 6.57
N PHE A 136 14.73 -6.31 5.93
CA PHE A 136 15.20 -6.58 4.59
C PHE A 136 16.66 -6.98 4.63
N ARG A 137 17.01 -7.96 3.80
CA ARG A 137 18.41 -8.38 3.66
C ARG A 137 18.72 -8.55 2.19
N GLY A 138 19.96 -8.26 1.83
CA GLY A 138 20.36 -8.45 0.45
C GLY A 138 21.82 -8.17 0.25
N VAL A 139 22.26 -8.33 -0.99
CA VAL A 139 23.63 -8.05 -1.37
C VAL A 139 23.61 -6.97 -2.45
N LEU A 140 24.40 -5.93 -2.25
CA LEU A 140 24.34 -4.74 -3.08
C LEU A 140 25.65 -4.58 -3.84
N ARG A 141 25.54 -4.18 -5.10
CA ARG A 141 26.69 -3.63 -5.81
C ARG A 141 26.29 -2.23 -6.28
N ILE A 142 27.20 -1.28 -6.12
CA ILE A 142 27.00 0.07 -6.61
C ILE A 142 27.95 0.27 -7.78
N LEU A 143 27.40 0.66 -8.93
CA LEU A 143 28.21 0.90 -10.13
C LEU A 143 28.25 2.36 -10.54
N GLU A 144 27.26 3.17 -10.15
CA GLU A 144 27.22 4.57 -10.55
C GLU A 144 26.09 5.25 -9.77
N VAL A 145 26.27 6.52 -9.46
CA VAL A 145 25.21 7.29 -8.82
C VAL A 145 25.08 8.62 -9.55
N GLY A 146 23.98 9.30 -9.26
CA GLY A 146 23.79 10.62 -9.80
C GLY A 146 24.75 11.62 -9.20
N ASP A 147 25.08 12.63 -9.99
CA ASP A 147 26.01 13.66 -9.56
C ASP A 147 25.63 14.98 -10.21
N THR A 148 25.49 16.03 -9.39
CA THR A 148 25.20 17.37 -9.90
C THR A 148 26.34 18.35 -9.68
N GLY A 149 27.44 17.93 -9.05
CA GLY A 149 28.48 18.84 -8.64
C GLY A 149 28.26 19.51 -7.30
N THR A 150 27.07 19.35 -6.70
CA THR A 150 26.76 19.88 -5.38
C THR A 150 26.15 18.80 -4.52
N PHE A 151 26.72 18.61 -3.35
CA PHE A 151 26.35 17.50 -2.49
C PHE A 151 24.85 17.40 -2.29
N SER A 152 24.17 18.53 -2.03
CA SER A 152 22.79 18.51 -1.59
CA SER A 152 22.80 18.43 -1.56
C SER A 152 21.86 17.88 -2.62
N SER A 153 22.19 18.00 -3.90
CA SER A 153 21.41 17.45 -5.00
C SER A 153 22.09 16.28 -5.72
N SER A 154 23.18 15.74 -5.19
CA SER A 154 23.88 14.61 -5.79
C SER A 154 23.49 13.32 -5.09
N GLY A 155 24.01 12.20 -5.58
CA GLY A 155 23.81 10.90 -4.96
C GLY A 155 22.48 10.29 -5.35
N SER A 156 22.33 8.98 -5.06
CA SER A 156 21.15 8.20 -5.42
C SER A 156 20.81 7.21 -4.31
N TYR A 157 19.52 6.94 -4.10
CA TYR A 157 19.09 6.09 -3.00
C TYR A 157 19.02 4.64 -3.44
N PHE A 158 19.59 3.75 -2.66
CA PHE A 158 19.42 2.34 -2.98
C PHE A 158 18.41 1.64 -2.07
N MET A 159 18.06 2.23 -0.93
CA MET A 159 16.97 1.74 -0.11
C MET A 159 16.47 2.89 0.75
N GLN A 160 15.30 2.71 1.37
CA GLN A 160 14.74 3.73 2.23
C GLN A 160 13.78 3.09 3.20
N ALA A 161 13.70 3.70 4.37
CA ALA A 161 12.67 3.41 5.38
C ALA A 161 11.59 4.49 5.30
N MET A 162 10.33 4.06 5.37
CA MET A 162 9.20 4.99 5.32
C MET A 162 8.08 4.45 6.18
N GLY A 163 7.11 5.31 6.47
CA GLY A 163 6.01 4.94 7.35
C GLY A 163 5.16 6.17 7.66
N LYS A 164 3.84 6.02 7.65
CA LYS A 164 2.98 7.16 7.90
C LYS A 164 2.88 7.44 9.40
N HIS A 165 2.40 8.64 9.73
CA HIS A 165 2.35 9.07 11.13
C HIS A 165 1.06 9.84 11.39
N THR A 166 0.61 9.82 12.66
CA THR A 166 -0.55 10.61 13.03
C THR A 166 -0.19 12.08 13.15
N GLY A 167 -1.20 12.93 13.00
CA GLY A 167 -1.05 14.33 13.30
C GLY A 167 -0.69 15.21 12.12
N GLY A 168 -0.71 14.69 10.90
CA GLY A 168 -0.36 15.52 9.76
C GLY A 168 1.13 15.85 9.73
N GLY A 169 1.49 16.70 8.79
CA GLY A 169 2.87 17.08 8.60
C GLY A 169 3.55 16.31 7.49
N GLY A 170 3.99 17.02 6.47
CA GLY A 170 4.67 16.39 5.37
C GLY A 170 3.71 15.85 4.33
N SER A 171 4.25 15.00 3.47
CA SER A 171 3.45 14.43 2.41
C SER A 171 2.56 13.29 2.91
N PRO A 172 1.54 12.90 2.15
CA PRO A 172 0.67 11.81 2.59
C PRO A 172 1.37 10.44 2.66
N ASP A 173 2.49 10.25 1.98
CA ASP A 173 3.26 9.00 2.05
C ASP A 173 4.69 9.39 2.35
N PRO A 174 4.99 9.75 3.61
CA PRO A 174 6.25 10.43 3.92
C PRO A 174 7.42 9.49 4.15
N ALA A 175 8.60 9.92 3.70
CA ALA A 175 9.82 9.20 3.98
C ALA A 175 10.26 9.40 5.44
N ILE A 176 10.96 8.41 5.98
CA ILE A 176 11.53 8.50 7.31
C ILE A 176 13.04 8.67 7.24
N CYS A 177 13.73 7.85 6.46
CA CYS A 177 15.14 8.08 6.14
C CYS A 177 15.51 7.25 4.93
N LEU A 178 16.43 7.78 4.14
CA LEU A 178 16.88 7.14 2.93
C LEU A 178 18.40 6.96 2.95
N TYR A 179 18.86 5.93 2.27
CA TYR A 179 20.28 5.63 2.23
C TYR A 179 20.81 5.99 0.85
N ARG A 180 21.67 7.01 0.82
CA ARG A 180 22.01 7.79 -0.36
C ARG A 180 23.50 7.65 -0.62
N ALA A 181 23.86 7.18 -1.81
CA ALA A 181 25.26 6.98 -2.17
C ALA A 181 25.74 8.10 -3.08
N HIS A 182 26.88 8.68 -2.74
CA HIS A 182 27.52 9.79 -3.42
C HIS A 182 28.81 9.35 -4.07
N PRO A 183 29.14 9.92 -5.21
CA PRO A 183 30.31 9.46 -5.97
C PRO A 183 31.62 9.99 -5.41
N VAL A 184 32.65 9.16 -5.55
CA VAL A 184 34.04 9.52 -5.28
C VAL A 184 34.83 9.17 -6.52
N TYR A 185 35.44 10.17 -7.13
CA TYR A 185 36.12 10.05 -8.40
C TYR A 185 37.61 9.77 -8.22
N GLY A 186 38.19 9.19 -9.26
CA GLY A 186 39.60 8.89 -9.34
C GLY A 186 39.94 8.58 -10.79
N ASP A 187 41.18 8.14 -11.01
CA ASP A 187 41.63 7.87 -12.38
C ASP A 187 41.24 6.47 -12.85
N ASP A 188 41.00 6.36 -14.15
CA ASP A 188 40.66 5.08 -14.78
C ASP A 188 41.87 4.31 -15.30
N GLY A 189 43.06 4.90 -15.27
CA GLY A 189 44.20 4.29 -15.92
C GLY A 189 44.47 4.80 -17.31
N ASN A 190 43.75 5.83 -17.76
CA ASN A 190 43.99 6.42 -19.06
C ASN A 190 43.81 7.94 -18.99
N GLY A 191 43.82 8.51 -17.79
CA GLY A 191 43.74 9.95 -17.62
C GLY A 191 42.35 10.55 -17.55
N ASN A 192 41.36 9.81 -17.06
CA ASN A 192 39.98 10.28 -16.94
C ASN A 192 39.49 10.14 -15.50
N GLN A 193 38.73 11.13 -15.03
CA GLN A 193 38.07 11.03 -13.74
C GLN A 193 36.79 10.21 -13.89
N VAL A 194 36.67 9.12 -13.11
CA VAL A 194 35.45 8.30 -13.10
C VAL A 194 35.09 7.91 -11.67
N GLN A 195 33.84 7.51 -11.50
CA GLN A 195 33.35 7.12 -10.18
C GLN A 195 34.04 5.81 -9.76
N VAL A 196 34.84 5.87 -8.70
CA VAL A 196 35.58 4.71 -8.23
C VAL A 196 35.10 4.22 -6.86
N SER A 197 34.44 5.05 -6.07
CA SER A 197 33.84 4.53 -4.85
C SER A 197 32.65 5.41 -4.48
N PHE A 198 32.03 5.10 -3.35
CA PHE A 198 30.75 5.71 -3.03
C PHE A 198 30.65 5.93 -1.52
N ASP A 199 30.48 7.19 -1.13
CA ASP A 199 30.17 7.53 0.25
C ASP A 199 28.68 7.36 0.49
N ILE A 200 28.33 6.48 1.43
CA ILE A 200 26.95 6.21 1.81
C ILE A 200 26.63 7.05 3.03
N TRP A 201 25.61 7.90 2.86
CA TRP A 201 25.03 8.80 3.85
C TRP A 201 23.60 8.38 4.16
N ARG A 202 23.12 8.76 5.34
CA ARG A 202 21.70 8.58 5.69
C ARG A 202 21.05 9.95 5.76
N GLU A 203 20.06 10.17 4.89
CA GLU A 203 19.24 11.38 4.90
C GLU A 203 18.02 11.10 5.76
N GLN A 204 17.94 11.76 6.91
CA GLN A 204 16.99 11.42 7.96
C GLN A 204 16.12 12.62 8.36
N ILE A 205 14.90 12.33 8.80
CA ILE A 205 13.98 13.37 9.25
C ILE A 205 14.45 13.91 10.60
N ASN A 206 14.34 15.24 10.74
CA ASN A 206 14.44 15.88 12.05
C ASN A 206 13.14 15.75 12.84
N PHE A 207 12.01 15.62 12.14
CA PHE A 207 10.68 15.48 12.74
C PHE A 207 9.75 14.91 11.68
N ARG A 208 8.64 14.33 12.14
CA ARG A 208 7.76 13.57 11.25
C ARG A 208 7.37 14.38 10.03
N GLY A 209 7.62 13.81 8.85
CA GLY A 209 7.28 14.47 7.61
C GLY A 209 8.24 15.55 7.19
N GLY A 210 9.34 15.72 7.90
CA GLY A 210 10.26 16.78 7.54
C GLY A 210 10.86 16.55 6.18
N SER A 211 11.10 17.66 5.49
CA SER A 211 11.73 17.68 4.18
C SER A 211 12.50 18.98 4.03
N GLY A 212 13.48 18.98 3.14
CA GLY A 212 14.23 20.20 2.91
C GLY A 212 15.33 20.42 3.94
N SER A 213 15.97 21.60 3.83
CA SER A 213 17.08 21.95 4.70
C SER A 213 16.69 21.85 6.16
N ALA A 214 15.49 22.34 6.50
CA ALA A 214 15.03 22.33 7.88
C ALA A 214 14.56 20.96 8.33
N GLY A 215 13.99 20.17 7.43
CA GLY A 215 13.33 18.93 7.83
C GLY A 215 14.21 17.71 7.96
N ARG A 216 15.36 17.71 7.29
CA ARG A 216 16.20 16.52 7.27
C ARG A 216 17.65 16.88 7.54
N THR A 217 18.37 15.93 8.12
CA THR A 217 19.80 16.01 8.33
C THR A 217 20.50 14.85 7.65
N GLU A 218 21.68 15.11 7.07
CA GLU A 218 22.50 14.10 6.42
C GLU A 218 23.64 13.64 7.32
N VAL A 219 23.74 12.33 7.51
CA VAL A 219 24.72 11.70 8.39
C VAL A 219 25.57 10.73 7.56
N PHE A 220 26.89 10.97 7.49
CA PHE A 220 27.77 10.05 6.78
C PHE A 220 27.90 8.72 7.50
N LEU A 221 27.91 7.64 6.73
CA LEU A 221 27.99 6.29 7.27
C LEU A 221 29.30 5.61 6.89
N LYS A 222 29.56 5.43 5.59
CA LYS A 222 30.83 4.78 5.23
C LYS A 222 31.00 4.73 3.72
N ASN A 223 32.25 4.47 3.31
CA ASN A 223 32.60 4.38 1.90
C ASN A 223 32.62 2.91 1.46
N VAL A 224 32.16 2.65 0.22
CA VAL A 224 32.29 1.33 -0.40
C VAL A 224 32.86 1.46 -1.82
N LEU A 225 33.52 0.41 -2.28
CA LEU A 225 34.17 0.44 -3.59
C LEU A 225 33.18 0.10 -4.70
N LYS A 226 33.43 0.66 -5.87
CA LYS A 226 32.63 0.32 -7.04
C LYS A 226 32.73 -1.18 -7.30
N ASN A 227 31.59 -1.81 -7.49
CA ASN A 227 31.46 -3.23 -7.79
C ASN A 227 31.75 -4.14 -6.60
N GLU A 228 32.19 -3.60 -5.46
CA GLU A 228 32.38 -4.44 -4.28
C GLU A 228 31.03 -5.00 -3.83
N GLN A 229 30.99 -6.29 -3.49
CA GLN A 229 29.75 -6.89 -3.02
C GLN A 229 29.55 -6.58 -1.53
N ILE A 230 28.44 -5.93 -1.20
CA ILE A 230 28.19 -5.40 0.14
C ILE A 230 26.99 -6.11 0.73
N ASP A 231 27.16 -6.73 1.90
CA ASP A 231 26.02 -7.28 2.62
C ASP A 231 25.21 -6.12 3.23
N ILE A 232 23.89 -6.17 3.04
CA ILE A 232 22.98 -5.14 3.53
C ILE A 232 21.90 -5.79 4.38
N GLU A 233 21.61 -5.17 5.52
CA GLU A 233 20.42 -5.44 6.31
C GLU A 233 19.81 -4.11 6.72
N LEU A 234 18.50 -4.01 6.62
CA LEU A 234 17.78 -2.84 7.09
C LEU A 234 16.57 -3.32 7.87
N GLU A 235 16.52 -2.96 9.15
CA GLU A 235 15.39 -3.32 10.00
C GLU A 235 14.80 -2.04 10.58
N VAL A 236 13.50 -1.84 10.34
CA VAL A 236 12.74 -0.71 10.86
C VAL A 236 11.68 -1.29 11.79
N GLY A 237 11.57 -0.75 12.99
CA GLY A 237 10.66 -1.39 13.94
C GLY A 237 10.46 -0.61 15.23
N PHE A 238 9.75 -1.26 16.15
CA PHE A 238 9.45 -0.70 17.47
C PHE A 238 10.01 -1.63 18.53
N ARG A 239 10.69 -1.06 19.52
CA ARG A 239 11.19 -1.86 20.63
C ARG A 239 10.95 -1.16 21.96
N ASP A 240 11.09 -1.94 23.04
CA ASP A 240 10.94 -1.40 24.39
C ASP A 240 12.00 -0.34 24.64
N ASP A 241 11.58 0.84 25.11
CA ASP A 241 12.53 1.91 25.43
C ASP A 241 13.20 1.64 26.78
N PRO A 242 14.53 1.43 26.84
CA PRO A 242 15.20 1.21 28.13
C PRO A 242 15.24 2.46 29.01
N ASN A 243 15.62 3.62 28.44
CA ASN A 243 15.65 4.90 29.18
C ASN A 243 14.27 5.34 29.67
N ASN A 244 13.26 4.51 29.48
CA ASN A 244 11.89 4.87 29.79
C ASN A 244 11.14 3.63 30.21
N PRO A 245 9.95 3.79 30.76
CA PRO A 245 9.12 2.62 31.07
C PRO A 245 7.88 2.59 30.21
N GLY A 246 7.55 1.42 29.66
CA GLY A 246 6.32 1.28 28.90
C GLY A 246 6.12 2.28 27.78
N GLN A 247 7.19 3.03 27.46
CA GLN A 247 7.24 3.82 26.25
C GLN A 247 7.94 3.00 25.17
N THR A 248 7.98 3.54 23.96
CA THR A 248 8.45 2.76 22.83
C THR A 248 9.42 3.57 21.98
N LEU A 249 10.40 2.88 21.40
CA LEU A 249 11.28 3.51 20.42
C LEU A 249 10.99 3.00 19.01
N HIS A 250 10.96 3.93 18.04
CA HIS A 250 10.87 3.59 16.62
C HIS A 250 12.24 3.77 15.99
N TYR A 251 12.82 2.68 15.50
CA TYR A 251 14.19 2.66 15.00
C TYR A 251 14.28 2.24 13.53
N ALA A 252 15.35 2.71 12.88
CA ALA A 252 15.79 2.22 11.56
C ALA A 252 17.28 1.88 11.64
N ASP A 253 17.59 0.60 11.83
CA ASP A 253 18.94 0.11 12.06
C ASP A 253 19.43 -0.60 10.79
N ALA A 254 20.53 -0.12 10.22
CA ALA A 254 21.13 -0.74 9.06
C ALA A 254 22.44 -1.43 9.44
N LYS A 255 22.76 -2.49 8.71
CA LYS A 255 24.10 -3.07 8.72
C LYS A 255 24.58 -3.05 7.29
N ILE A 256 25.75 -2.47 7.08
CA ILE A 256 26.30 -2.27 5.76
C ILE A 256 27.71 -2.82 5.78
N GLY A 257 27.94 -3.87 5.01
CA GLY A 257 29.27 -4.46 4.96
C GLY A 257 29.80 -4.83 6.33
N GLY A 258 28.93 -5.32 7.20
CA GLY A 258 29.32 -5.74 8.52
C GLY A 258 29.28 -4.68 9.59
N GLU A 259 29.12 -3.40 9.25
CA GLU A 259 29.13 -2.33 10.23
C GLU A 259 27.71 -1.84 10.53
N GLU A 260 27.39 -1.63 11.81
CA GLU A 260 26.05 -1.26 12.23
C GLU A 260 25.89 0.26 12.28
N PHE A 261 24.78 0.76 11.72
CA PHE A 261 24.41 2.18 11.78
C PHE A 261 22.97 2.24 12.29
N ASN A 262 22.83 2.48 13.59
CA ASN A 262 21.54 2.41 14.23
C ASN A 262 21.06 3.82 14.51
N TRP A 263 19.74 3.98 14.54
CA TRP A 263 19.18 5.32 14.59
C TRP A 263 17.73 5.23 15.03
N ASN A 264 17.36 6.08 15.97
CA ASN A 264 16.03 6.11 16.54
C ASN A 264 15.25 7.22 15.86
N ILE A 265 14.06 6.88 15.39
CA ILE A 265 13.25 7.78 14.58
C ILE A 265 12.63 8.79 15.53
N PRO A 266 12.54 10.07 15.14
CA PRO A 266 11.94 11.07 16.02
C PRO A 266 10.46 10.80 16.24
N GLU A 267 10.03 10.88 17.51
CA GLU A 267 8.63 10.85 17.93
C GLU A 267 8.04 9.48 17.72
N PRO A 268 8.58 8.47 18.37
CA PRO A 268 8.04 7.11 18.17
C PRO A 268 6.54 7.03 18.32
N GLU A 269 5.96 7.86 19.21
CA GLU A 269 4.54 7.72 19.53
C GLU A 269 3.63 8.15 18.39
N ARG A 270 4.10 9.00 17.46
CA ARG A 270 3.26 9.41 16.34
C ARG A 270 3.27 8.42 15.17
N GLY A 271 4.20 7.46 15.13
CA GLY A 271 4.31 6.59 13.96
C GLY A 271 3.35 5.41 14.03
N ILE A 272 2.85 5.00 12.86
CA ILE A 272 1.85 3.91 12.82
C ILE A 272 2.34 2.64 12.14
N GLU A 273 3.49 2.63 11.48
CA GLU A 273 3.91 1.45 10.70
C GLU A 273 5.38 1.59 10.35
N SER A 274 5.98 0.48 9.91
CA SER A 274 7.36 0.45 9.43
C SER A 274 7.38 -0.16 8.03
N GLY A 275 8.03 0.52 7.10
CA GLY A 275 8.11 0.03 5.74
C GLY A 275 9.48 0.26 5.15
N ILE A 276 9.78 -0.55 4.15
CA ILE A 276 11.05 -0.50 3.43
C ILE A 276 10.79 -0.56 1.93
N ARG A 277 11.56 0.19 1.17
CA ARG A 277 11.61 0.02 -0.29
C ARG A 277 13.06 -0.05 -0.69
N TYR A 278 13.35 -0.78 -1.80
CA TYR A 278 14.75 -0.79 -2.25
C TYR A 278 14.80 -0.86 -3.78
N GLY A 279 15.97 -0.55 -4.32
CA GLY A 279 16.18 -0.54 -5.75
C GLY A 279 17.04 0.65 -6.16
N ALA A 280 16.44 1.63 -6.86
CA ALA A 280 17.12 2.86 -7.24
C ALA A 280 16.09 3.97 -7.34
N TYR A 281 16.43 5.13 -6.79
CA TYR A 281 15.54 6.28 -6.64
C TYR A 281 16.42 7.50 -6.53
N ARG A 282 16.09 8.54 -7.29
CA ARG A 282 16.76 9.83 -7.30
C ARG A 282 18.01 9.83 -8.15
N VAL A 283 18.00 10.63 -9.20
CA VAL A 283 19.20 10.83 -10.02
C VAL A 283 19.06 12.20 -10.68
N LYS A 284 19.52 13.25 -10.00
CA LYS A 284 19.30 14.61 -10.51
C LYS A 284 20.31 15.03 -11.57
N GLY A 285 21.35 14.24 -11.81
CA GLY A 285 22.15 14.45 -12.99
C GLY A 285 22.82 13.13 -13.31
N GLY A 286 22.95 12.78 -14.59
CA GLY A 286 23.65 11.56 -14.92
C GLY A 286 22.83 10.31 -14.71
N ARG A 287 23.45 9.25 -14.14
CA ARG A 287 22.86 7.91 -14.13
C ARG A 287 23.17 7.17 -12.82
N ALA A 288 22.24 6.32 -12.40
CA ALA A 288 22.45 5.48 -11.23
C ALA A 288 22.25 4.02 -11.61
N GLN A 289 23.11 3.16 -11.06
CA GLN A 289 23.12 1.73 -11.38
C GLN A 289 23.35 0.92 -10.10
N PHE A 290 22.31 0.29 -9.59
CA PHE A 290 22.41 -0.55 -8.41
C PHE A 290 22.11 -1.99 -8.79
N ARG A 291 22.73 -2.91 -8.07
CA ARG A 291 22.58 -4.34 -8.34
C ARG A 291 22.27 -5.04 -7.04
N TRP A 292 21.21 -5.84 -7.02
CA TRP A 292 20.74 -6.48 -5.79
C TRP A 292 20.63 -7.98 -5.98
N ALA A 293 21.33 -8.75 -5.14
CA ALA A 293 21.25 -10.21 -5.15
C ALA A 293 20.77 -10.72 -3.80
N ASN A 294 20.13 -11.89 -3.83
CA ASN A 294 19.81 -12.66 -2.61
C ASN A 294 19.00 -11.82 -1.63
N THR A 295 17.95 -11.20 -2.13
CA THR A 295 17.10 -10.37 -1.27
C THR A 295 16.12 -11.22 -0.49
N SER A 296 15.93 -10.88 0.77
CA SER A 296 14.92 -11.52 1.59
C SER A 296 14.19 -10.46 2.39
N TYR A 297 12.94 -10.73 2.72
CA TYR A 297 12.17 -9.81 3.54
C TYR A 297 11.31 -10.58 4.52
N THR A 298 11.31 -10.14 5.77
CA THR A 298 10.49 -10.67 6.83
C THR A 298 9.81 -9.50 7.51
N LYS A 299 8.66 -9.76 8.13
CA LYS A 299 8.07 -8.74 8.99
C LYS A 299 7.33 -9.41 10.13
N ASP A 300 7.11 -8.63 11.18
CA ASP A 300 6.29 -9.05 12.30
C ASP A 300 5.44 -7.87 12.76
N GLU A 301 4.17 -8.16 13.05
CA GLU A 301 3.21 -7.16 13.52
C GLU A 301 2.76 -7.56 14.93
N VAL A 302 3.12 -6.73 15.91
CA VAL A 302 2.86 -7.02 17.31
C VAL A 302 2.21 -5.79 17.93
N ASN A 303 1.05 -5.98 18.55
CA ASN A 303 0.41 -4.87 19.25
C ASN A 303 0.74 -4.83 20.74
N GLN B 44 -27.07 -26.45 -1.30
CA GLN B 44 -27.82 -25.33 -1.82
C GLN B 44 -27.54 -24.03 -1.05
N THR B 45 -26.69 -24.12 0.00
CA THR B 45 -26.50 -23.03 0.95
C THR B 45 -25.07 -22.99 1.48
N ASP B 46 -24.54 -21.78 1.69
CA ASP B 46 -23.23 -21.62 2.33
C ASP B 46 -23.31 -20.68 3.54
N GLU B 47 -24.48 -20.60 4.17
CA GLU B 47 -24.71 -19.68 5.28
C GLU B 47 -24.28 -20.29 6.61
N ASP B 48 -23.52 -19.53 7.40
CA ASP B 48 -23.24 -19.89 8.79
C ASP B 48 -24.51 -19.69 9.61
N THR B 49 -24.93 -20.71 10.35
CA THR B 49 -26.12 -20.61 11.17
C THR B 49 -25.88 -20.92 12.65
N GLY B 50 -24.66 -21.31 13.03
CA GLY B 50 -24.40 -21.61 14.40
C GLY B 50 -24.38 -20.37 15.26
N PRO B 51 -24.15 -20.55 16.55
CA PRO B 51 -24.11 -19.40 17.45
C PRO B 51 -23.04 -18.41 17.04
N VAL B 52 -23.27 -17.15 17.39
CA VAL B 52 -22.31 -16.10 17.10
C VAL B 52 -21.28 -16.09 18.21
N VAL B 53 -20.04 -16.35 17.85
CA VAL B 53 -18.92 -16.41 18.77
C VAL B 53 -17.87 -15.48 18.21
N ASP B 54 -16.94 -15.06 19.08
CA ASP B 54 -15.94 -14.12 18.58
C ASP B 54 -14.88 -14.82 17.74
N CYS B 55 -14.22 -15.85 18.26
CA CYS B 55 -13.16 -16.47 17.47
CA CYS B 55 -13.13 -16.46 17.50
C CYS B 55 -13.16 -17.98 17.61
N THR B 56 -12.82 -18.64 16.49
CA THR B 56 -12.76 -20.08 16.33
C THR B 56 -11.39 -20.48 15.80
N ASN B 57 -11.01 -21.74 16.09
CA ASN B 57 -9.73 -22.27 15.64
C ASN B 57 -9.54 -22.00 14.14
N GLN B 58 -10.48 -22.46 13.32
CA GLN B 58 -10.38 -22.41 11.88
C GLN B 58 -10.30 -21.00 11.33
N GLY B 59 -10.54 -19.98 12.15
CA GLY B 59 -10.42 -18.61 11.68
C GLY B 59 -9.38 -17.79 12.43
N THR B 60 -8.57 -18.42 13.27
CA THR B 60 -7.59 -17.65 14.05
C THR B 60 -6.28 -17.67 13.27
N ASN B 61 -6.23 -16.84 12.22
CA ASN B 61 -5.08 -16.78 11.35
C ASN B 61 -3.92 -16.09 12.06
N PRO B 62 -2.68 -16.52 11.81
CA PRO B 62 -1.54 -15.91 12.51
C PRO B 62 -1.10 -14.59 11.92
N THR B 63 -1.44 -14.31 10.67
CA THR B 63 -1.04 -13.08 10.00
C THR B 63 -2.16 -12.56 9.12
N ARG B 64 -2.13 -11.25 8.88
CA ARG B 64 -3.18 -10.62 8.08
C ARG B 64 -3.19 -11.14 6.66
N ASP B 65 -2.03 -11.59 6.15
CA ASP B 65 -1.95 -12.02 4.76
C ASP B 65 -2.20 -13.52 4.57
N THR B 66 -2.92 -14.17 5.48
CA THR B 66 -3.26 -15.59 5.36
C THR B 66 -4.36 -15.82 4.34
N ASP B 67 -4.08 -16.62 3.33
CA ASP B 67 -4.95 -16.86 2.20
C ASP B 67 -4.86 -18.34 1.89
N ILE B 68 -5.81 -18.83 1.10
CA ILE B 68 -5.72 -20.17 0.55
C ILE B 68 -4.85 -20.13 -0.70
N PRO B 69 -4.28 -21.25 -1.12
N PRO B 69 -4.34 -21.27 -1.17
CA PRO B 69 -3.66 -21.30 -2.44
CA PRO B 69 -3.24 -21.23 -2.15
C PRO B 69 -4.67 -21.01 -3.54
C PRO B 69 -3.52 -20.46 -3.43
N ASN B 70 -4.27 -20.14 -4.47
N ASN B 70 -4.70 -20.62 -4.02
CA ASN B 70 -5.02 -19.80 -5.68
CA ASN B 70 -5.04 -19.97 -5.30
C ASN B 70 -6.45 -19.30 -5.41
C ASN B 70 -6.45 -19.41 -5.22
N PRO B 71 -6.62 -18.22 -4.64
CA PRO B 71 -7.97 -17.70 -4.44
C PRO B 71 -8.59 -17.25 -5.75
N ARG B 72 -9.89 -17.48 -5.90
CA ARG B 72 -10.61 -16.97 -7.08
C ARG B 72 -10.97 -15.48 -6.96
N ASN B 73 -11.07 -14.91 -5.75
CA ASN B 73 -11.27 -13.46 -5.64
C ASN B 73 -9.96 -12.75 -5.85
N ILE B 74 -10.01 -11.67 -6.61
CA ILE B 74 -8.84 -10.86 -6.91
C ILE B 74 -8.56 -9.87 -5.76
N GLY B 75 -7.29 -9.58 -5.56
CA GLY B 75 -6.84 -8.68 -4.51
C GLY B 75 -6.04 -9.40 -3.43
N ASP B 76 -5.32 -8.60 -2.62
CA ASP B 76 -4.49 -9.13 -1.54
C ASP B 76 -5.32 -9.24 -0.27
N ILE B 77 -5.30 -10.42 0.36
CA ILE B 77 -6.12 -10.65 1.55
C ILE B 77 -5.62 -9.78 2.70
N ASP B 78 -6.55 -9.30 3.51
CA ASP B 78 -6.29 -8.53 4.75
C ASP B 78 -7.28 -9.12 5.76
N ASP B 79 -6.85 -10.16 6.48
CA ASP B 79 -7.74 -10.94 7.33
C ASP B 79 -7.53 -10.49 8.78
N ARG B 80 -8.43 -9.64 9.30
CA ARG B 80 -8.41 -9.17 10.67
C ARG B 80 -9.69 -9.59 11.39
N SER B 81 -9.96 -10.88 11.35
CA SER B 81 -11.04 -11.45 12.15
C SER B 81 -10.69 -12.91 12.45
N CYS B 82 -10.72 -13.28 13.72
CA CYS B 82 -10.45 -14.67 14.07
C CYS B 82 -11.70 -15.53 14.10
N TYR B 83 -12.84 -15.00 13.63
CA TYR B 83 -14.03 -15.82 13.52
C TYR B 83 -13.91 -16.81 12.37
N ALA B 84 -13.48 -16.33 11.20
CA ALA B 84 -13.34 -17.15 10.00
C ALA B 84 -12.08 -16.74 9.27
N ASN B 85 -11.70 -17.58 8.31
CA ASN B 85 -10.71 -17.22 7.30
C ASN B 85 -11.43 -17.13 5.97
N TYR B 86 -10.74 -16.56 4.99
CA TYR B 86 -11.27 -16.63 3.63
C TYR B 86 -11.37 -18.09 3.20
N SER B 87 -12.50 -18.45 2.61
CA SER B 87 -12.66 -19.76 2.01
C SER B 87 -13.61 -19.60 0.84
N GLU B 88 -13.85 -20.68 0.11
CA GLU B 88 -14.68 -20.60 -1.08
C GLU B 88 -15.73 -21.68 -1.06
N SER B 89 -16.78 -21.45 -1.84
CA SER B 89 -17.86 -22.41 -1.97
C SER B 89 -18.28 -22.45 -3.43
N SER B 90 -18.74 -23.62 -3.86
CA SER B 90 -19.24 -23.80 -5.21
C SER B 90 -20.74 -23.99 -5.08
N ILE B 91 -21.50 -22.99 -5.49
CA ILE B 91 -22.94 -23.06 -5.31
C ILE B 91 -23.58 -22.10 -6.30
N LEU B 92 -24.85 -22.34 -6.59
CA LEU B 92 -25.60 -21.48 -7.51
C LEU B 92 -24.92 -21.31 -8.86
N GLY B 93 -24.07 -22.28 -9.23
CA GLY B 93 -23.38 -22.25 -10.51
C GLY B 93 -22.20 -21.31 -10.57
N LYS B 94 -21.66 -20.90 -9.43
CA LYS B 94 -20.52 -20.01 -9.40
C LYS B 94 -19.64 -20.40 -8.23
N PHE B 95 -18.43 -19.85 -8.24
CA PHE B 95 -17.49 -19.97 -7.14
C PHE B 95 -17.47 -18.67 -6.34
N TRP B 96 -17.71 -18.77 -5.03
CA TRP B 96 -17.91 -17.63 -4.14
C TRP B 96 -16.80 -17.57 -3.13
N GLY B 97 -16.15 -16.41 -3.01
CA GLY B 97 -15.36 -16.15 -1.84
C GLY B 97 -16.27 -15.79 -0.66
N ILE B 98 -15.94 -16.30 0.51
CA ILE B 98 -16.76 -16.25 1.71
C ILE B 98 -16.10 -15.30 2.71
N TYR B 99 -16.81 -14.24 3.10
CA TYR B 99 -16.29 -13.25 4.06
C TYR B 99 -17.27 -13.19 5.24
N ASN B 100 -16.92 -13.85 6.35
CA ASN B 100 -17.72 -13.86 7.57
C ASN B 100 -16.93 -13.24 8.71
N ILE B 101 -17.56 -12.29 9.41
CA ILE B 101 -16.94 -11.69 10.59
C ILE B 101 -18.00 -11.58 11.69
N THR B 102 -17.52 -11.56 12.93
CA THR B 102 -18.40 -11.40 14.09
C THR B 102 -17.88 -10.29 14.99
N ASP B 103 -18.82 -9.75 15.77
CA ASP B 103 -18.52 -8.71 16.76
C ASP B 103 -17.40 -9.16 17.69
N GLY B 104 -16.40 -8.30 17.87
CA GLY B 104 -15.30 -8.59 18.78
C GLY B 104 -14.28 -9.60 18.29
N SER B 105 -14.19 -9.85 16.98
CA SER B 105 -13.31 -10.89 16.45
C SER B 105 -12.02 -10.35 15.86
N ASN B 106 -11.67 -9.10 16.12
CA ASN B 106 -10.47 -8.48 15.55
C ASN B 106 -9.28 -8.81 16.44
N HIS B 107 -8.54 -9.86 16.09
CA HIS B 107 -7.33 -10.22 16.83
C HIS B 107 -6.07 -9.62 16.23
N MET B 108 -6.17 -8.80 15.17
CA MET B 108 -5.00 -8.22 14.53
C MET B 108 -4.79 -6.75 14.86
N ASP B 109 -5.81 -5.92 14.86
CA ASP B 109 -5.58 -4.55 15.25
C ASP B 109 -5.41 -4.45 16.76
N ALA B 110 -4.85 -3.34 17.22
CA ALA B 110 -4.74 -3.11 18.67
C ALA B 110 -6.13 -3.06 19.30
N PRO B 111 -6.33 -3.66 20.47
CA PRO B 111 -7.69 -3.85 20.98
C PRO B 111 -8.43 -2.54 21.18
N ASN B 112 -9.75 -2.63 21.04
CA ASN B 112 -10.64 -1.47 21.17
C ASN B 112 -10.21 -0.34 20.24
N THR B 113 -9.85 -0.71 19.01
CA THR B 113 -9.62 0.28 17.97
C THR B 113 -10.54 -0.05 16.81
N LEU B 114 -10.04 -0.67 15.73
CA LEU B 114 -10.80 -0.83 14.49
C LEU B 114 -11.69 -2.06 14.51
N GLN B 115 -12.73 -2.04 13.67
CA GLN B 115 -13.66 -3.15 13.63
C GLN B 115 -13.03 -4.36 12.94
N PRO B 116 -13.54 -5.55 13.22
CA PRO B 116 -13.07 -6.74 12.49
C PRO B 116 -13.26 -6.51 11.00
N ARG B 117 -12.43 -7.18 10.18
CA ARG B 117 -12.65 -7.16 8.74
C ARG B 117 -11.98 -8.38 8.13
N ILE B 118 -12.50 -8.80 6.99
CA ILE B 118 -11.78 -9.63 6.04
C ILE B 118 -11.96 -8.97 4.68
N GLU B 119 -10.91 -8.36 4.17
CA GLU B 119 -11.04 -7.62 2.93
C GLU B 119 -9.94 -8.06 1.99
N ARG B 120 -10.11 -7.72 0.73
CA ARG B 120 -9.05 -7.75 -0.27
C ARG B 120 -8.81 -6.34 -0.76
N SER B 121 -7.53 -5.96 -0.81
CA SER B 121 -7.14 -4.63 -1.30
C SER B 121 -6.61 -4.73 -2.71
N LEU B 122 -6.91 -3.70 -3.50
CA LEU B 122 -6.61 -3.63 -4.91
C LEU B 122 -5.59 -2.51 -5.13
N SER B 123 -4.64 -2.75 -6.01
CA SER B 123 -3.61 -1.75 -6.27
C SER B 123 -4.23 -0.38 -6.58
N ARG B 124 -3.75 0.65 -5.89
CA ARG B 124 -4.39 1.95 -6.02
C ARG B 124 -3.96 2.65 -7.30
N SER B 125 -4.88 3.42 -7.87
CA SER B 125 -4.57 4.30 -8.99
C SER B 125 -3.93 5.57 -8.45
N GLN B 126 -2.61 5.68 -8.58
CA GLN B 126 -1.83 6.80 -8.03
C GLN B 126 -1.57 7.84 -9.13
N ALA B 127 -2.65 8.50 -9.52
CA ALA B 127 -2.60 9.62 -10.47
C ALA B 127 -3.90 10.40 -10.33
N THR B 128 -3.85 11.69 -10.66
CA THR B 128 -5.01 12.55 -10.54
C THR B 128 -5.42 13.20 -11.86
N GLY B 129 -4.88 12.75 -12.98
CA GLY B 129 -5.33 13.28 -14.24
C GLY B 129 -6.68 12.70 -14.63
N ALA B 130 -7.41 13.47 -15.45
CA ALA B 130 -8.63 12.96 -16.07
C ALA B 130 -8.32 11.70 -16.88
N GLY B 131 -9.19 10.70 -16.74
CA GLY B 131 -8.93 9.38 -17.27
C GLY B 131 -8.30 8.41 -16.28
N SER B 132 -7.97 8.86 -15.06
CA SER B 132 -7.46 7.98 -14.00
C SER B 132 -8.60 7.29 -13.26
N TYR B 133 -8.44 6.00 -13.00
CA TYR B 133 -9.54 5.28 -12.36
C TYR B 133 -9.07 3.96 -11.74
N ALA B 134 -9.82 3.55 -10.73
CA ALA B 134 -9.86 2.18 -10.20
C ALA B 134 -11.27 1.65 -10.45
N ARG B 135 -11.36 0.43 -11.01
CA ARG B 135 -12.63 -0.16 -11.45
C ARG B 135 -12.72 -1.59 -10.93
N PHE B 136 -13.68 -1.82 -10.03
CA PHE B 136 -13.96 -3.12 -9.46
C PHE B 136 -15.31 -3.59 -9.95
N ARG B 137 -15.41 -4.88 -10.24
CA ARG B 137 -16.67 -5.48 -10.63
C ARG B 137 -16.80 -6.82 -9.95
N GLY B 138 -18.03 -7.21 -9.62
CA GLY B 138 -18.24 -8.51 -9.02
C GLY B 138 -19.70 -8.82 -8.81
N VAL B 139 -19.95 -10.00 -8.27
CA VAL B 139 -21.31 -10.44 -7.96
C VAL B 139 -21.37 -10.70 -6.47
N LEU B 140 -22.35 -10.09 -5.80
CA LEU B 140 -22.46 -10.06 -4.35
C LEU B 140 -23.71 -10.82 -3.92
N ARG B 141 -23.59 -11.59 -2.83
CA ARG B 141 -24.76 -12.04 -2.07
C ARG B 141 -24.60 -11.55 -0.64
N ILE B 142 -25.67 -11.03 -0.07
CA ILE B 142 -25.68 -10.60 1.33
C ILE B 142 -26.51 -11.62 2.10
N LEU B 143 -25.94 -12.20 3.15
CA LEU B 143 -26.68 -13.17 3.95
C LEU B 143 -27.02 -12.67 5.34
N GLU B 144 -26.24 -11.74 5.88
CA GLU B 144 -26.40 -11.24 7.23
C GLU B 144 -25.47 -10.05 7.39
N VAL B 145 -25.89 -9.07 8.18
CA VAL B 145 -25.08 -7.91 8.50
C VAL B 145 -25.16 -7.67 9.99
N GLY B 146 -24.30 -6.77 10.47
CA GLY B 146 -24.33 -6.41 11.87
C GLY B 146 -25.55 -5.59 12.23
N ASP B 147 -25.96 -5.73 13.49
CA ASP B 147 -27.13 -5.01 13.97
C ASP B 147 -26.96 -4.72 15.46
N THR B 148 -27.17 -3.45 15.82
CA THR B 148 -27.14 -2.98 17.21
C THR B 148 -28.50 -2.50 17.71
N GLY B 149 -29.53 -2.47 16.86
CA GLY B 149 -30.77 -1.84 17.23
C GLY B 149 -30.80 -0.36 16.95
N THR B 150 -29.66 0.24 16.55
CA THR B 150 -29.59 1.66 16.24
C THR B 150 -28.89 1.89 14.92
N PHE B 151 -29.53 2.65 14.05
CA PHE B 151 -29.01 2.84 12.71
C PHE B 151 -27.55 3.27 12.74
N SER B 152 -27.18 4.13 13.68
CA SER B 152 -25.86 4.75 13.64
CA SER B 152 -25.87 4.75 13.61
C SER B 152 -24.75 3.72 13.72
N SER B 153 -24.96 2.64 14.48
CA SER B 153 -23.91 1.66 14.72
C SER B 153 -24.21 0.30 14.13
N SER B 154 -25.25 0.17 13.30
CA SER B 154 -25.65 -1.10 12.72
C SER B 154 -25.10 -1.19 11.30
N GLY B 155 -25.32 -2.35 10.67
CA GLY B 155 -24.96 -2.55 9.28
C GLY B 155 -23.49 -2.88 9.10
N SER B 156 -23.15 -3.36 7.90
CA SER B 156 -21.79 -3.81 7.62
C SER B 156 -21.39 -3.41 6.22
N TYR B 157 -20.10 -3.14 6.04
CA TYR B 157 -19.57 -2.68 4.75
C TYR B 157 -19.19 -3.86 3.88
N PHE B 158 -19.59 -3.82 2.61
CA PHE B 158 -19.12 -4.85 1.68
C PHE B 158 -18.07 -4.37 0.70
N MET B 159 -17.94 -3.06 0.47
CA MET B 159 -16.83 -2.48 -0.29
C MET B 159 -16.71 -1.03 0.13
N GLN B 160 -15.59 -0.41 -0.26
CA GLN B 160 -15.34 0.99 0.08
C GLN B 160 -14.38 1.60 -0.91
N ALA B 161 -14.54 2.90 -1.11
CA ALA B 161 -13.60 3.74 -1.83
C ALA B 161 -12.73 4.50 -0.82
N MET B 162 -11.42 4.53 -1.08
CA MET B 162 -10.50 5.23 -0.19
C MET B 162 -9.38 5.83 -1.02
N GLY B 163 -8.60 6.70 -0.40
CA GLY B 163 -7.53 7.40 -1.08
C GLY B 163 -6.99 8.52 -0.21
N LYS B 164 -5.68 8.72 -0.19
CA LYS B 164 -5.11 9.76 0.63
C LYS B 164 -5.23 11.13 -0.07
N HIS B 165 -5.04 12.18 0.73
CA HIS B 165 -5.21 13.56 0.27
C HIS B 165 -4.14 14.44 0.91
N THR B 166 -3.85 15.57 0.26
CA THR B 166 -2.93 16.57 0.77
C THR B 166 -3.58 17.42 1.86
N GLY B 167 -2.74 18.04 2.69
CA GLY B 167 -3.21 19.03 3.63
C GLY B 167 -3.63 18.50 4.98
N GLY B 168 -3.43 17.22 5.25
CA GLY B 168 -3.84 16.68 6.53
C GLY B 168 -5.35 16.55 6.69
N GLY B 169 -5.75 16.20 7.92
CA GLY B 169 -7.14 16.01 8.23
C GLY B 169 -7.55 14.56 8.19
N GLY B 170 -8.01 14.04 9.32
CA GLY B 170 -8.45 12.66 9.39
C GLY B 170 -7.29 11.71 9.58
N SER B 171 -7.60 10.42 9.40
CA SER B 171 -6.59 9.41 9.66
C SER B 171 -5.54 9.38 8.56
N PRO B 172 -4.38 8.76 8.83
CA PRO B 172 -3.31 8.70 7.82
C PRO B 172 -3.68 7.86 6.60
N ASP B 173 -4.66 6.94 6.69
CA ASP B 173 -5.15 6.17 5.55
C ASP B 173 -6.67 6.30 5.53
N PRO B 174 -7.18 7.43 5.02
CA PRO B 174 -8.58 7.80 5.25
C PRO B 174 -9.55 7.19 4.25
N ALA B 175 -10.73 6.84 4.76
CA ALA B 175 -11.82 6.42 3.90
C ALA B 175 -12.40 7.61 3.16
N ILE B 176 -12.94 7.36 1.96
CA ILE B 176 -13.66 8.36 1.18
C ILE B 176 -15.16 8.10 1.18
N CYS B 177 -15.58 6.86 0.92
CA CYS B 177 -16.97 6.49 1.16
C CYS B 177 -17.09 4.97 1.19
N LEU B 178 -18.00 4.50 2.03
CA LEU B 178 -18.19 3.08 2.22
C LEU B 178 -19.63 2.71 1.91
N TYR B 179 -19.83 1.48 1.47
CA TYR B 179 -21.15 0.99 1.11
C TYR B 179 -21.59 0.02 2.18
N ARG B 180 -22.63 0.41 2.91
CA ARG B 180 -23.00 -0.17 4.19
C ARG B 180 -24.41 -0.73 4.08
N ALA B 181 -24.55 -2.03 4.34
CA ALA B 181 -25.82 -2.72 4.24
C ALA B 181 -26.41 -2.94 5.62
N HIS B 182 -27.69 -2.56 5.79
CA HIS B 182 -28.46 -2.60 7.05
C HIS B 182 -29.56 -3.63 6.97
N PRO B 183 -29.87 -4.27 8.09
CA PRO B 183 -30.84 -5.37 8.05
C PRO B 183 -32.28 -4.88 7.99
N VAL B 184 -33.10 -5.65 7.27
CA VAL B 184 -34.55 -5.48 7.25
C VAL B 184 -35.13 -6.82 7.63
N TYR B 185 -35.88 -6.86 8.73
CA TYR B 185 -36.37 -8.09 9.31
C TYR B 185 -37.78 -8.44 8.81
N GLY B 186 -38.10 -9.71 8.93
CA GLY B 186 -39.41 -10.22 8.60
C GLY B 186 -39.54 -11.62 9.18
N ASP B 187 -40.65 -12.28 8.83
CA ASP B 187 -40.90 -13.61 9.38
C ASP B 187 -40.21 -14.69 8.55
N ASP B 188 -39.79 -15.75 9.23
CA ASP B 188 -39.19 -16.92 8.60
C ASP B 188 -40.20 -18.00 8.24
N GLY B 189 -41.46 -17.81 8.63
CA GLY B 189 -42.45 -18.86 8.50
C GLY B 189 -42.67 -19.68 9.75
N ASN B 190 -42.09 -19.28 10.89
CA ASN B 190 -42.27 -19.97 12.16
C ASN B 190 -42.40 -18.99 13.33
N GLY B 191 -42.65 -17.72 13.05
CA GLY B 191 -42.87 -16.75 14.11
C GLY B 191 -41.63 -16.12 14.68
N ASN B 192 -40.56 -16.02 13.89
CA ASN B 192 -39.31 -15.41 14.32
C ASN B 192 -38.93 -14.29 13.36
N GLN B 193 -38.47 -13.16 13.92
CA GLN B 193 -37.92 -12.08 13.12
C GLN B 193 -36.49 -12.44 12.72
N VAL B 194 -36.21 -12.48 11.40
CA VAL B 194 -34.88 -12.73 10.87
C VAL B 194 -34.61 -11.78 9.72
N GLN B 195 -33.34 -11.62 9.39
CA GLN B 195 -32.93 -10.69 8.35
C GLN B 195 -33.35 -11.23 6.99
N VAL B 196 -34.24 -10.51 6.32
CA VAL B 196 -34.78 -10.94 5.04
C VAL B 196 -34.36 -10.04 3.90
N SER B 197 -33.96 -8.81 4.16
CA SER B 197 -33.41 -7.99 3.09
C SER B 197 -32.46 -6.98 3.71
N PHE B 198 -31.92 -6.11 2.87
CA PHE B 198 -30.79 -5.26 3.26
C PHE B 198 -30.89 -3.92 2.54
N ASP B 199 -30.98 -2.84 3.32
CA ASP B 199 -30.90 -1.50 2.76
C ASP B 199 -29.44 -1.12 2.61
N ILE B 200 -29.04 -0.80 1.40
CA ILE B 200 -27.70 -0.34 1.13
C ILE B 200 -27.68 1.18 1.14
N TRP B 201 -26.85 1.72 2.02
CA TRP B 201 -26.58 3.13 2.21
C TRP B 201 -25.13 3.44 1.84
N ARG B 202 -24.85 4.69 1.51
CA ARG B 202 -23.48 5.15 1.30
C ARG B 202 -23.08 6.10 2.43
N GLU B 203 -22.04 5.72 3.18
CA GLU B 203 -21.47 6.57 4.21
C GLU B 203 -20.35 7.36 3.57
N GLN B 204 -20.54 8.68 3.43
CA GLN B 204 -19.68 9.52 2.61
C GLN B 204 -19.12 10.69 3.42
N ILE B 205 -17.92 11.13 3.04
CA ILE B 205 -17.26 12.25 3.69
C ILE B 205 -17.95 13.55 3.30
N ASN B 206 -18.09 14.46 4.27
CA ASN B 206 -18.48 15.83 3.92
C ASN B 206 -17.29 16.64 3.41
N PHE B 207 -16.07 16.27 3.81
CA PHE B 207 -14.81 16.92 3.47
C PHE B 207 -13.67 15.94 3.75
N ARG B 208 -12.52 16.21 3.14
CA ARG B 208 -11.43 15.25 3.17
C ARG B 208 -11.10 14.81 4.59
N GLY B 209 -11.09 13.51 4.81
CA GLY B 209 -10.75 12.96 6.11
C GLY B 209 -11.86 13.04 7.13
N GLY B 210 -13.05 13.48 6.72
CA GLY B 210 -14.13 13.66 7.68
C GLY B 210 -14.57 12.35 8.30
N SER B 211 -14.95 12.42 9.57
CA SER B 211 -15.46 11.26 10.29
C SER B 211 -16.47 11.69 11.34
N GLY B 212 -17.33 10.76 11.72
CA GLY B 212 -18.30 11.04 12.75
C GLY B 212 -19.49 11.84 12.25
N SER B 213 -20.34 12.24 13.21
CA SER B 213 -21.56 12.96 12.89
C SER B 213 -21.29 14.20 12.06
N ALA B 214 -20.24 14.94 12.41
CA ALA B 214 -19.92 16.14 11.66
C ALA B 214 -19.26 15.83 10.32
N GLY B 215 -18.46 14.76 10.25
CA GLY B 215 -17.59 14.49 9.11
C GLY B 215 -18.19 13.72 7.96
N ARG B 216 -19.26 12.97 8.22
CA ARG B 216 -19.85 12.12 7.20
C ARG B 216 -21.36 12.26 7.16
N THR B 217 -21.90 12.04 5.97
CA THR B 217 -23.33 11.98 5.72
C THR B 217 -23.70 10.61 5.17
N GLU B 218 -24.83 10.08 5.62
CA GLU B 218 -25.35 8.80 5.17
C GLU B 218 -26.44 9.02 4.13
N VAL B 219 -26.31 8.36 2.97
CA VAL B 219 -27.23 8.51 1.86
C VAL B 219 -27.78 7.12 1.50
N PHE B 220 -29.11 6.95 1.60
CA PHE B 220 -29.72 5.68 1.22
C PHE B 220 -29.68 5.47 -0.28
N LEU B 221 -29.39 4.25 -0.68
CA LEU B 221 -29.27 3.89 -2.09
C LEU B 221 -30.36 2.91 -2.54
N LYS B 222 -30.45 1.73 -1.92
CA LYS B 222 -31.53 0.82 -2.37
C LYS B 222 -31.54 -0.46 -1.56
N ASN B 223 -32.65 -1.18 -1.65
CA ASN B 223 -32.82 -2.43 -0.94
C ASN B 223 -32.54 -3.62 -1.86
N VAL B 224 -31.87 -4.66 -1.30
CA VAL B 224 -31.67 -5.93 -1.99
C VAL B 224 -32.10 -7.08 -1.08
N LEU B 225 -32.53 -8.17 -1.68
CA LEU B 225 -33.04 -9.31 -0.94
C LEU B 225 -31.90 -10.21 -0.48
N LYS B 226 -32.13 -10.89 0.64
CA LYS B 226 -31.18 -11.87 1.14
C LYS B 226 -30.94 -12.97 0.10
N ASN B 227 -29.68 -13.26 -0.16
CA ASN B 227 -29.22 -14.30 -1.08
C ASN B 227 -29.42 -13.94 -2.54
N GLU B 228 -30.04 -12.81 -2.86
CA GLU B 228 -30.15 -12.39 -4.25
C GLU B 228 -28.75 -12.10 -4.80
N GLN B 229 -28.49 -12.53 -6.03
CA GLN B 229 -27.21 -12.25 -6.67
C GLN B 229 -27.24 -10.85 -7.29
N ILE B 230 -26.34 -9.99 -6.83
CA ILE B 230 -26.35 -8.57 -7.15
C ILE B 230 -25.10 -8.26 -7.96
N ASP B 231 -25.28 -7.73 -9.17
CA ASP B 231 -24.14 -7.22 -9.93
C ASP B 231 -23.65 -5.92 -9.30
N ILE B 232 -22.34 -5.83 -9.07
CA ILE B 232 -21.72 -4.67 -8.46
C ILE B 232 -20.63 -4.13 -9.39
N GLU B 233 -20.59 -2.81 -9.54
CA GLU B 233 -19.45 -2.13 -10.11
C GLU B 233 -19.14 -0.92 -9.26
N LEU B 234 -17.87 -0.67 -8.99
CA LEU B 234 -17.45 0.51 -8.27
C LEU B 234 -16.28 1.10 -9.03
N GLU B 235 -16.43 2.35 -9.50
CA GLU B 235 -15.34 3.05 -10.17
C GLU B 235 -15.05 4.34 -9.43
N VAL B 236 -13.80 4.51 -9.00
CA VAL B 236 -13.32 5.68 -8.32
C VAL B 236 -12.26 6.31 -9.22
N GLY B 237 -12.39 7.58 -9.52
CA GLY B 237 -11.49 8.14 -10.51
C GLY B 237 -11.62 9.64 -10.68
N PHE B 238 -10.90 10.15 -11.67
CA PHE B 238 -10.85 11.57 -11.98
C PHE B 238 -11.32 11.79 -13.41
N ARG B 239 -12.17 12.79 -13.60
CA ARG B 239 -12.64 13.14 -14.93
C ARG B 239 -12.66 14.65 -15.10
N ASP B 240 -12.80 15.07 -16.36
CA ASP B 240 -12.91 16.49 -16.70
C ASP B 240 -14.20 17.08 -16.13
N ASP B 241 -14.08 18.22 -15.45
CA ASP B 241 -15.26 18.91 -14.92
C ASP B 241 -15.97 19.67 -16.04
N PRO B 242 -17.23 19.32 -16.38
CA PRO B 242 -17.93 20.04 -17.46
C PRO B 242 -18.32 21.47 -17.09
N ASN B 243 -18.87 21.69 -15.89
CA ASN B 243 -19.23 23.03 -15.40
C ASN B 243 -18.01 23.92 -15.18
N ASN B 244 -16.84 23.45 -15.60
CA ASN B 244 -15.59 24.14 -15.33
C ASN B 244 -14.66 23.88 -16.50
N PRO B 245 -13.54 24.58 -16.55
CA PRO B 245 -12.53 24.29 -17.58
C PRO B 245 -11.23 23.87 -16.91
N GLY B 246 -10.59 22.83 -17.44
CA GLY B 246 -9.30 22.39 -16.96
C GLY B 246 -9.19 22.07 -15.48
N GLN B 247 -10.31 22.01 -14.78
CA GLN B 247 -10.37 21.43 -13.45
C GLN B 247 -10.83 19.97 -13.57
N THR B 248 -10.84 19.26 -12.44
CA THR B 248 -11.19 17.85 -12.45
C THR B 248 -12.16 17.54 -11.32
N LEU B 249 -13.00 16.54 -11.57
CA LEU B 249 -13.87 15.98 -10.56
C LEU B 249 -13.31 14.64 -10.11
N HIS B 250 -13.36 14.41 -8.81
CA HIS B 250 -13.04 13.12 -8.23
C HIS B 250 -14.34 12.43 -7.86
N TYR B 251 -14.59 11.27 -8.48
CA TYR B 251 -15.88 10.60 -8.35
C TYR B 251 -15.74 9.19 -7.78
N ALA B 252 -16.80 8.76 -7.10
CA ALA B 252 -16.99 7.35 -6.72
C ALA B 252 -18.38 6.92 -7.22
N ASP B 253 -18.42 6.26 -8.37
CA ASP B 253 -19.68 5.90 -9.03
C ASP B 253 -19.92 4.39 -8.92
N ALA B 254 -21.05 4.02 -8.34
CA ALA B 254 -21.40 2.62 -8.20
C ALA B 254 -22.56 2.25 -9.12
N LYS B 255 -22.57 0.99 -9.53
CA LYS B 255 -23.73 0.34 -10.15
C LYS B 255 -24.08 -0.84 -9.27
N ILE B 256 -25.32 -0.88 -8.82
CA ILE B 256 -25.79 -1.91 -7.90
C ILE B 256 -27.08 -2.47 -8.49
N GLY B 257 -27.05 -3.74 -8.89
CA GLY B 257 -28.22 -4.34 -9.51
C GLY B 257 -28.76 -3.54 -10.68
N GLY B 258 -27.86 -2.95 -11.47
CA GLY B 258 -28.25 -2.21 -12.63
C GLY B 258 -28.57 -0.75 -12.42
N GLU B 259 -28.68 -0.29 -11.17
CA GLU B 259 -29.00 1.11 -10.91
C GLU B 259 -27.74 1.87 -10.54
N GLU B 260 -27.58 3.08 -11.09
CA GLU B 260 -26.39 3.90 -10.89
C GLU B 260 -26.54 4.80 -9.68
N PHE B 261 -25.50 4.86 -8.84
CA PHE B 261 -25.45 5.79 -7.72
C PHE B 261 -24.12 6.55 -7.83
N ASN B 262 -24.19 7.74 -8.41
CA ASN B 262 -22.99 8.50 -8.71
C ASN B 262 -22.83 9.61 -7.70
N TRP B 263 -21.57 9.97 -7.46
CA TRP B 263 -21.25 10.89 -6.38
C TRP B 263 -19.86 11.44 -6.59
N ASN B 264 -19.74 12.76 -6.45
CA ASN B 264 -18.47 13.44 -6.63
C ASN B 264 -17.87 13.73 -5.28
N ILE B 265 -16.60 13.41 -5.13
CA ILE B 265 -15.92 13.48 -3.84
C ILE B 265 -15.60 14.94 -3.53
N PRO B 266 -15.76 15.39 -2.29
CA PRO B 266 -15.44 16.79 -1.97
C PRO B 266 -13.96 17.09 -2.10
N GLU B 267 -13.64 18.21 -2.75
CA GLU B 267 -12.31 18.79 -2.88
C GLU B 267 -11.46 17.93 -3.77
N PRO B 268 -11.85 17.75 -5.04
CA PRO B 268 -11.06 16.90 -5.94
C PRO B 268 -9.60 17.26 -5.98
N GLU B 269 -9.28 18.55 -5.82
CA GLU B 269 -7.90 19.00 -5.99
C GLU B 269 -6.99 18.54 -4.85
N ARG B 270 -7.53 18.17 -3.68
CA ARG B 270 -6.69 17.66 -2.61
C ARG B 270 -6.38 16.17 -2.73
N GLY B 271 -7.10 15.42 -3.58
CA GLY B 271 -6.92 13.97 -3.63
C GLY B 271 -5.73 13.59 -4.50
N ILE B 272 -5.01 12.53 -4.10
CA ILE B 272 -3.81 12.09 -4.79
C ILE B 272 -3.94 10.72 -5.44
N GLU B 273 -5.02 9.97 -5.18
CA GLU B 273 -5.16 8.60 -5.68
C GLU B 273 -6.58 8.12 -5.47
N SER B 274 -6.91 7.00 -6.14
CA SER B 274 -8.20 6.32 -6.00
C SER B 274 -7.96 4.86 -5.68
N GLY B 275 -8.64 4.35 -4.66
CA GLY B 275 -8.48 2.97 -4.25
C GLY B 275 -9.80 2.34 -3.87
N ILE B 276 -9.84 1.01 -3.97
CA ILE B 276 -11.02 0.23 -3.63
C ILE B 276 -10.60 -0.94 -2.73
N ARG B 277 -11.44 -1.26 -1.73
CA ARG B 277 -11.32 -2.52 -0.99
C ARG B 277 -12.69 -3.19 -0.96
N TYR B 278 -12.69 -4.53 -0.88
CA TYR B 278 -13.99 -5.20 -0.75
C TYR B 278 -13.88 -6.43 0.11
N GLY B 279 -15.04 -6.92 0.56
CA GLY B 279 -15.08 -8.09 1.42
C GLY B 279 -16.11 -7.91 2.51
N ALA B 280 -15.65 -7.75 3.75
CA ALA B 280 -16.54 -7.53 4.88
C ALA B 280 -15.79 -6.73 5.93
N TYR B 281 -16.43 -5.70 6.45
CA TYR B 281 -15.79 -4.77 7.38
C TYR B 281 -16.88 -4.16 8.23
N ARG B 282 -16.67 -4.13 9.55
CA ARG B 282 -17.59 -3.53 10.53
C ARG B 282 -18.70 -4.48 10.93
N VAL B 283 -18.74 -4.83 12.21
CA VAL B 283 -19.84 -5.61 12.75
C VAL B 283 -19.94 -5.29 14.24
N LYS B 284 -20.63 -4.18 14.57
CA LYS B 284 -20.67 -3.76 15.96
C LYS B 284 -21.65 -4.57 16.79
N GLY B 285 -22.46 -5.42 16.18
CA GLY B 285 -23.20 -6.43 16.91
C GLY B 285 -23.57 -7.62 16.04
N GLY B 286 -23.45 -8.83 16.54
CA GLY B 286 -23.86 -9.98 15.74
C GLY B 286 -22.82 -10.40 14.71
N ARG B 287 -23.28 -10.68 13.49
CA ARG B 287 -22.45 -11.32 12.48
C ARG B 287 -22.74 -10.76 11.10
N ALA B 288 -21.71 -10.73 10.26
CA ALA B 288 -21.82 -10.30 8.88
C ALA B 288 -21.30 -11.38 7.94
N GLN B 289 -22.03 -11.60 6.84
CA GLN B 289 -21.73 -12.67 5.88
C GLN B 289 -21.93 -12.14 4.45
N PHE B 290 -20.84 -11.88 3.76
CA PHE B 290 -20.89 -11.47 2.36
C PHE B 290 -20.25 -12.56 1.50
N ARG B 291 -20.71 -12.65 0.26
CA ARG B 291 -20.26 -13.65 -0.71
C ARG B 291 -19.96 -12.94 -2.01
N TRP B 292 -18.77 -13.16 -2.55
CA TRP B 292 -18.30 -12.45 -3.75
C TRP B 292 -17.90 -13.42 -4.85
N ALA B 293 -18.50 -13.30 -6.02
CA ALA B 293 -18.11 -14.13 -7.16
C ALA B 293 -17.67 -13.27 -8.33
N ASN B 294 -16.81 -13.84 -9.17
CA ASN B 294 -16.47 -13.23 -10.47
C ASN B 294 -15.92 -11.82 -10.30
N THR B 295 -14.96 -11.66 -9.40
CA THR B 295 -14.40 -10.33 -9.16
C THR B 295 -13.38 -10.01 -10.24
N SER B 296 -13.39 -8.77 -10.69
CA SER B 296 -12.36 -8.30 -11.61
C SER B 296 -11.96 -6.90 -11.17
N TYR B 297 -10.71 -6.55 -11.46
CA TYR B 297 -10.20 -5.23 -11.14
C TYR B 297 -9.31 -4.72 -12.26
N THR B 298 -9.52 -3.48 -12.64
CA THR B 298 -8.71 -2.77 -13.61
C THR B 298 -8.37 -1.41 -13.02
N LYS B 299 -7.26 -0.83 -13.48
CA LYS B 299 -6.99 0.56 -13.14
C LYS B 299 -6.25 1.19 -14.28
N ASP B 300 -6.26 2.52 -14.28
CA ASP B 300 -5.49 3.34 -15.19
C ASP B 300 -4.96 4.56 -14.45
N GLU B 301 -3.70 4.89 -14.72
CA GLU B 301 -3.04 6.04 -14.12
C GLU B 301 -2.68 7.02 -15.24
N VAL B 302 -3.30 8.21 -15.20
CA VAL B 302 -3.15 9.22 -16.24
C VAL B 302 -2.87 10.56 -15.59
N ASN B 303 -1.78 11.22 -16.02
CA ASN B 303 -1.47 12.54 -15.50
C ASN B 303 -2.03 13.63 -16.42
#